data_4NNB
#
_entry.id   4NNB
#
_cell.length_a   177.005
_cell.length_b   177.005
_cell.length_c   47.833
_cell.angle_alpha   90.00
_cell.angle_beta   90.00
_cell.angle_gamma   90.00
#
_symmetry.space_group_name_H-M   'P 43 21 2'
#
loop_
_entity.id
_entity.type
_entity.pdbx_description
1 polymer 'OBCA, Oxalate Biosynthetic Component A'
2 non-polymer 'MAGNESIUM ION'
3 non-polymer 'OXALOACETATE ION'
4 water water
#
_entity_poly.entity_id   1
_entity_poly.type   'polypeptide(L)'
_entity_poly.pdbx_seq_one_letter_code
;GHMTSLYITAAPIGAVPKFLDPFEATFIPSFLLEGFFDADRCASIAADLKTDGWEVVPAGGRLLQVGHAQPIDERLLAGN
AQAATIRQALEAARWTRRDGAWHPPRLAAPNAAHFPKPWLAALSNKLARRIVLQLTTYGWIVSEQGDLLWEHERQHHYLP
PALIEAIEKESPALLKNMEEAGWIACAAGYWQAGKARSPYLPITPEAITEETIRSMRAGAAVVHLHTRDLSDRRRIEIPG
LGVVTVGSQRNQIVLDDYDAIVPMVKKREPAAILNLSTSVRGDRHGARSKLRRAHLKFYDDVGSAPEVASLSPAAVVFQG
GGGYDNAPDFLDAQFDHFERVGTRPEVEVFNHAIVDNATSLYRDRLLRTGKPVLFMLVAGVDQYRRDPITGEVEDDSLIA
RVVREEISSLLADESADSHRRAVELAIGQLRPVVERLRASFPVSKISILLPGPMQNLLVDVALGLGLDGIRVGLEDGLTV
NDARVPGGVRKARGTWEQVSLVREELLGRGATILTAAQVRDMFGLGIKPAARRERDPQTAAG
;
_entity_poly.pdbx_strand_id   A
#
loop_
_chem_comp.id
_chem_comp.type
_chem_comp.name
_chem_comp.formula
MG non-polymer 'MAGNESIUM ION' 'Mg 2'
OAA non-polymer 'OXALOACETATE ION' 'C4 H3 O5 -1'
#
# COMPACT_ATOMS: atom_id res chain seq x y z
N THR A 4 18.72 6.14 18.46
CA THR A 4 19.22 5.94 17.11
C THR A 4 18.84 7.09 16.17
N SER A 5 19.64 7.31 15.13
CA SER A 5 19.21 8.13 14.00
C SER A 5 18.45 7.19 13.06
N LEU A 6 17.52 7.74 12.28
CA LEU A 6 16.70 6.87 11.42
C LEU A 6 16.54 7.39 10.00
N TYR A 7 16.33 6.46 9.07
CA TYR A 7 15.97 6.89 7.72
C TYR A 7 14.56 6.38 7.39
N ILE A 8 13.83 7.17 6.63
CA ILE A 8 12.48 6.80 6.24
C ILE A 8 12.53 6.25 4.84
N THR A 9 11.94 5.06 4.67
CA THR A 9 11.69 4.53 3.33
C THR A 9 10.26 4.85 2.89
N ALA A 10 10.11 5.46 1.73
CA ALA A 10 8.78 5.64 1.14
C ALA A 10 8.46 4.47 0.21
N ALA A 11 7.27 3.90 0.30
CA ALA A 11 6.90 2.81 -0.62
C ALA A 11 5.59 3.15 -1.33
N PRO A 12 5.67 3.84 -2.47
CA PRO A 12 4.49 4.51 -3.04
C PRO A 12 3.53 3.66 -3.86
N ILE A 13 3.92 2.44 -4.25
CA ILE A 13 3.10 1.72 -5.23
C ILE A 13 2.69 0.32 -4.76
N GLY A 14 3.68 -0.51 -4.47
CA GLY A 14 3.43 -1.88 -4.09
C GLY A 14 2.81 -2.76 -5.14
N ALA A 15 2.36 -3.92 -4.69
CA ALA A 15 1.74 -4.92 -5.54
C ALA A 15 0.21 -4.91 -5.44
N VAL A 16 -0.31 -4.55 -4.27
CA VAL A 16 -1.72 -4.84 -3.96
C VAL A 16 -2.75 -3.72 -4.23
N PRO A 17 -2.49 -2.50 -3.72
CA PRO A 17 -3.57 -1.52 -3.89
C PRO A 17 -3.81 -1.13 -5.36
N LYS A 18 -4.99 -0.59 -5.67
CA LYS A 18 -5.27 -0.15 -7.04
C LYS A 18 -5.67 1.32 -7.11
N PHE A 19 -5.38 1.96 -8.24
CA PHE A 19 -5.83 3.32 -8.48
C PHE A 19 -7.34 3.33 -8.76
N LEU A 20 -8.03 4.29 -8.18
CA LEU A 20 -9.44 4.51 -8.50
C LEU A 20 -9.59 5.91 -9.07
N ASP A 21 -10.17 6.00 -10.26
CA ASP A 21 -10.46 7.31 -10.84
C ASP A 21 -11.72 7.85 -10.15
N PRO A 22 -11.59 8.91 -9.33
CA PRO A 22 -12.75 9.42 -8.61
C PRO A 22 -13.71 10.22 -9.48
N PHE A 23 -13.33 10.47 -10.73
CA PHE A 23 -14.21 11.19 -11.65
C PHE A 23 -15.04 10.23 -12.51
N GLU A 24 -14.85 8.93 -12.32
CA GLU A 24 -15.65 7.94 -13.04
C GLU A 24 -16.84 7.53 -12.22
N ALA A 25 -17.88 7.03 -12.89
CA ALA A 25 -19.08 6.54 -12.22
C ALA A 25 -18.73 5.48 -11.18
N THR A 26 -19.48 5.46 -10.08
CA THR A 26 -19.21 4.51 -9.01
C THR A 26 -20.40 3.59 -8.79
N PHE A 27 -21.44 3.78 -9.57
CA PHE A 27 -22.64 2.93 -9.49
C PHE A 27 -23.23 2.74 -10.88
N ILE A 28 -23.53 1.49 -11.21
CA ILE A 28 -24.16 1.16 -12.47
C ILE A 28 -25.46 0.44 -12.17
N PRO A 29 -26.59 1.10 -12.42
CA PRO A 29 -27.92 0.52 -12.19
C PRO A 29 -28.19 -0.72 -13.06
N SER A 30 -28.72 -1.77 -12.45
CA SER A 30 -29.03 -3.03 -13.14
C SER A 30 -29.86 -2.86 -14.40
N PHE A 31 -30.90 -2.02 -14.32
CA PHE A 31 -31.83 -1.87 -15.42
C PHE A 31 -31.16 -1.31 -16.68
N LEU A 32 -30.09 -0.54 -16.49
CA LEU A 32 -29.38 0.04 -17.63
C LEU A 32 -28.49 -0.97 -18.33
N LEU A 33 -27.85 -1.84 -17.56
CA LEU A 33 -26.97 -2.86 -18.12
C LEU A 33 -27.83 -3.98 -18.68
N GLU A 34 -28.76 -4.43 -17.84
CA GLU A 34 -29.68 -5.50 -18.19
C GLU A 34 -30.96 -4.88 -18.76
N GLY A 35 -31.03 -4.81 -20.08
CA GLY A 35 -32.09 -4.11 -20.76
C GLY A 35 -31.55 -3.14 -21.79
N PHE A 36 -30.27 -3.27 -22.11
CA PHE A 36 -29.63 -2.47 -23.16
C PHE A 36 -28.62 -3.29 -23.94
N PHE A 37 -28.12 -4.34 -23.32
CA PHE A 37 -27.26 -5.29 -23.99
C PHE A 37 -27.96 -6.64 -23.97
N ASP A 38 -27.57 -7.55 -24.87
CA ASP A 38 -28.10 -8.90 -24.82
C ASP A 38 -27.76 -9.52 -23.47
N ALA A 39 -28.58 -10.46 -23.00
CA ALA A 39 -28.41 -11.03 -21.66
C ALA A 39 -27.04 -11.65 -21.42
N ASP A 40 -26.35 -12.00 -22.52
CA ASP A 40 -25.06 -12.67 -22.43
C ASP A 40 -23.87 -11.72 -22.41
N ARG A 41 -23.93 -10.64 -23.17
CA ARG A 41 -22.88 -9.64 -23.11
C ARG A 41 -23.11 -8.76 -21.87
N CYS A 42 -24.34 -8.78 -21.38
CA CYS A 42 -24.68 -8.17 -20.10
C CYS A 42 -24.10 -9.02 -18.96
N ALA A 43 -24.02 -10.33 -19.20
CA ALA A 43 -23.35 -11.22 -18.26
C ALA A 43 -21.85 -11.05 -18.40
N SER A 44 -21.43 -10.62 -19.59
CA SER A 44 -20.01 -10.42 -19.88
C SER A 44 -19.47 -9.14 -19.25
N ILE A 45 -20.19 -8.04 -19.47
CA ILE A 45 -19.84 -6.76 -18.86
C ILE A 45 -19.82 -6.91 -17.34
N ALA A 46 -20.83 -7.60 -16.82
CA ALA A 46 -20.93 -7.85 -15.39
C ALA A 46 -19.72 -8.59 -14.84
N ALA A 47 -19.32 -9.66 -15.53
CA ALA A 47 -18.17 -10.44 -15.14
C ALA A 47 -16.90 -9.58 -15.12
N ASP A 48 -16.73 -8.75 -16.14
CA ASP A 48 -15.58 -7.87 -16.26
C ASP A 48 -15.58 -6.78 -15.18
N LEU A 49 -16.76 -6.26 -14.87
CA LEU A 49 -16.91 -5.30 -13.77
C LEU A 49 -16.55 -6.01 -12.46
N LYS A 50 -17.04 -7.24 -12.32
CA LYS A 50 -16.78 -8.05 -11.14
C LYS A 50 -15.29 -8.38 -11.00
N THR A 51 -14.64 -8.64 -12.13
CA THR A 51 -13.21 -8.88 -12.15
C THR A 51 -12.49 -7.66 -11.59
N ASP A 52 -12.97 -6.48 -11.97
CA ASP A 52 -12.32 -5.23 -11.63
C ASP A 52 -12.71 -4.73 -10.24
N GLY A 53 -13.46 -5.52 -9.49
CA GLY A 53 -13.76 -5.19 -8.09
C GLY A 53 -15.15 -4.64 -7.81
N TRP A 54 -15.95 -4.40 -8.85
CA TRP A 54 -17.33 -3.97 -8.66
C TRP A 54 -18.08 -5.07 -7.93
N GLU A 55 -19.04 -4.67 -7.10
CA GLU A 55 -19.82 -5.62 -6.32
C GLU A 55 -21.32 -5.43 -6.54
N VAL A 56 -22.07 -6.52 -6.53
CA VAL A 56 -23.53 -6.47 -6.70
C VAL A 56 -24.19 -5.89 -5.45
N VAL A 57 -25.08 -4.91 -5.64
CA VAL A 57 -25.82 -4.34 -4.51
C VAL A 57 -27.33 -4.29 -4.77
N PRO A 58 -28.12 -4.48 -3.70
CA PRO A 58 -29.58 -4.33 -3.78
C PRO A 58 -29.99 -2.87 -3.84
N ALA A 59 -31.29 -2.61 -3.88
CA ALA A 59 -31.79 -1.23 -3.85
C ALA A 59 -31.55 -0.63 -2.47
N GLY A 60 -31.59 0.70 -2.40
CA GLY A 60 -31.48 1.40 -1.13
C GLY A 60 -30.24 2.26 -0.96
N GLY A 61 -29.39 2.31 -1.99
CA GLY A 61 -28.18 3.12 -1.93
C GLY A 61 -28.53 4.58 -2.12
N ARG A 62 -27.56 5.47 -1.94
CA ARG A 62 -27.73 6.88 -2.30
C ARG A 62 -26.63 7.30 -3.27
N LEU A 63 -27.00 8.14 -4.24
CA LEU A 63 -26.07 8.61 -5.26
C LEU A 63 -26.08 10.12 -5.29
N LEU A 64 -24.89 10.72 -5.18
CA LEU A 64 -24.73 12.14 -5.38
C LEU A 64 -24.10 12.33 -6.76
N GLN A 65 -24.85 12.95 -7.67
CA GLN A 65 -24.43 13.02 -9.07
C GLN A 65 -24.55 14.43 -9.64
N VAL A 66 -23.48 14.89 -10.29
CA VAL A 66 -23.48 16.21 -10.93
C VAL A 66 -22.80 16.10 -12.29
N GLY A 67 -23.49 16.60 -13.33
CA GLY A 67 -22.95 16.66 -14.68
C GLY A 67 -22.31 15.36 -15.13
N HIS A 68 -23.09 14.28 -15.16
CA HIS A 68 -22.50 12.97 -15.34
C HIS A 68 -23.35 11.94 -16.10
N ALA A 69 -24.27 12.41 -16.93
CA ALA A 69 -25.06 11.48 -17.74
C ALA A 69 -25.44 12.08 -19.08
N GLN A 70 -25.84 11.23 -20.01
CA GLN A 70 -26.19 11.66 -21.36
C GLN A 70 -27.47 10.97 -21.82
N PRO A 71 -28.27 11.66 -22.66
CA PRO A 71 -29.51 11.05 -23.17
C PRO A 71 -29.24 9.75 -23.92
N ILE A 72 -30.26 8.91 -24.04
CA ILE A 72 -30.10 7.54 -24.50
C ILE A 72 -30.44 7.36 -25.99
N ALA A 113 -22.05 19.85 -2.31
CA ALA A 113 -21.20 18.68 -2.09
C ALA A 113 -20.27 18.91 -0.91
N HIS A 114 -20.84 18.90 0.29
CA HIS A 114 -20.02 18.96 1.49
C HIS A 114 -20.61 18.06 2.56
N PHE A 115 -19.84 17.79 3.59
CA PHE A 115 -20.30 16.95 4.68
C PHE A 115 -19.77 17.58 5.94
N PRO A 116 -20.55 18.50 6.51
CA PRO A 116 -20.14 19.28 7.68
C PRO A 116 -19.76 18.38 8.84
N LYS A 117 -18.76 18.79 9.60
CA LYS A 117 -18.34 18.05 10.78
C LYS A 117 -19.46 17.64 11.75
N PRO A 118 -20.40 18.56 12.07
CA PRO A 118 -21.49 18.13 12.97
C PRO A 118 -22.34 16.97 12.43
N TRP A 119 -22.43 16.80 11.11
CA TRP A 119 -23.17 15.66 10.59
C TRP A 119 -22.50 14.35 10.96
N LEU A 120 -21.18 14.31 10.80
CA LEU A 120 -20.41 13.11 11.06
C LEU A 120 -20.30 12.89 12.56
N ALA A 121 -20.32 13.98 13.31
CA ALA A 121 -20.15 13.91 14.76
C ALA A 121 -21.39 13.34 15.42
N ALA A 122 -22.50 13.32 14.67
CA ALA A 122 -23.77 12.76 15.12
C ALA A 122 -23.74 11.24 15.12
N LEU A 123 -22.64 10.65 14.65
CA LEU A 123 -22.59 9.21 14.49
C LEU A 123 -21.56 8.57 15.41
N SER A 124 -21.66 7.26 15.56
CA SER A 124 -20.64 6.48 16.24
C SER A 124 -19.33 6.64 15.48
N ASN A 125 -18.21 6.50 16.20
CA ASN A 125 -16.90 6.61 15.57
C ASN A 125 -16.77 5.65 14.40
N LYS A 126 -17.25 4.42 14.56
CA LYS A 126 -17.17 3.44 13.50
C LYS A 126 -17.92 3.84 12.24
N LEU A 127 -19.13 4.36 12.41
CA LEU A 127 -19.95 4.76 11.25
C LEU A 127 -19.31 5.98 10.57
N ALA A 128 -18.89 6.96 11.35
CA ALA A 128 -18.21 8.13 10.81
C ALA A 128 -16.95 7.75 10.02
N ARG A 129 -16.14 6.83 10.55
CA ARG A 129 -14.93 6.37 9.86
C ARG A 129 -15.28 5.75 8.51
N ARG A 130 -16.32 4.92 8.49
CA ARG A 130 -16.77 4.30 7.26
C ARG A 130 -17.09 5.33 6.18
N ILE A 131 -17.82 6.36 6.57
CA ILE A 131 -18.23 7.41 5.63
C ILE A 131 -17.02 8.21 5.18
N VAL A 132 -16.20 8.63 6.15
CA VAL A 132 -15.00 9.40 5.83
C VAL A 132 -14.06 8.62 4.89
N LEU A 133 -13.83 7.35 5.18
CA LEU A 133 -12.98 6.53 4.32
C LEU A 133 -13.58 6.35 2.92
N GLN A 134 -14.90 6.15 2.85
CA GLN A 134 -15.51 5.98 1.55
C GLN A 134 -15.42 7.25 0.71
N LEU A 135 -15.76 8.39 1.30
CA LEU A 135 -15.75 9.65 0.56
C LEU A 135 -14.34 10.13 0.23
N THR A 136 -13.38 9.92 1.13
CA THR A 136 -12.00 10.29 0.80
C THR A 136 -11.37 9.34 -0.23
N THR A 137 -11.91 8.11 -0.32
CA THR A 137 -11.55 7.19 -1.40
C THR A 137 -12.04 7.77 -2.72
N TYR A 138 -13.17 8.47 -2.67
CA TYR A 138 -13.75 9.10 -3.84
C TYR A 138 -13.16 10.49 -4.11
N GLY A 139 -12.10 10.86 -3.38
CA GLY A 139 -11.41 12.11 -3.63
C GLY A 139 -11.94 13.33 -2.89
N TRP A 140 -12.89 13.13 -1.98
CA TRP A 140 -13.30 14.23 -1.11
C TRP A 140 -12.14 14.47 -0.16
N ILE A 141 -12.02 15.69 0.36
CA ILE A 141 -10.93 15.99 1.28
C ILE A 141 -11.44 16.57 2.60
N VAL A 142 -10.60 16.48 3.63
CA VAL A 142 -10.94 17.03 4.93
C VAL A 142 -10.45 18.49 5.00
N SER A 143 -11.33 19.41 5.38
CA SER A 143 -10.91 20.82 5.53
C SER A 143 -10.29 21.08 6.91
N GLU A 144 -9.75 22.28 7.12
CA GLU A 144 -9.18 22.61 8.44
C GLU A 144 -10.22 22.59 9.56
N GLN A 145 -11.49 22.78 9.20
CA GLN A 145 -12.55 22.75 10.20
C GLN A 145 -13.04 21.32 10.42
N GLY A 146 -12.50 20.38 9.65
CA GLY A 146 -12.87 18.98 9.80
C GLY A 146 -14.12 18.59 9.05
N ASP A 147 -14.54 19.44 8.10
CA ASP A 147 -15.65 19.10 7.21
C ASP A 147 -15.10 18.28 6.04
N LEU A 148 -15.93 17.44 5.44
CA LEU A 148 -15.57 16.82 4.16
C LEU A 148 -16.04 17.68 3.00
N LEU A 149 -15.15 17.89 2.03
CA LEU A 149 -15.45 18.75 0.89
C LEU A 149 -15.14 18.04 -0.42
N TRP A 150 -16.01 18.20 -1.42
CA TRP A 150 -15.67 17.79 -2.78
C TRP A 150 -15.38 19.06 -3.58
N GLU A 151 -14.15 19.21 -4.05
CA GLU A 151 -13.73 20.46 -4.67
C GLU A 151 -13.69 20.39 -6.19
N HIS A 152 -14.71 19.77 -6.77
CA HIS A 152 -14.84 19.71 -8.22
C HIS A 152 -16.29 19.86 -8.66
N GLU A 153 -16.47 20.15 -9.94
CA GLU A 153 -17.79 20.37 -10.51
C GLU A 153 -18.58 19.07 -10.64
N ARG A 154 -18.11 18.17 -11.50
CA ARG A 154 -18.79 16.90 -11.74
C ARG A 154 -18.43 15.83 -10.71
N GLN A 155 -19.31 14.83 -10.57
CA GLN A 155 -19.05 13.68 -9.71
C GLN A 155 -20.19 12.66 -9.86
N HIS A 156 -19.89 11.42 -9.52
CA HIS A 156 -20.86 10.36 -9.54
C HIS A 156 -20.50 9.44 -8.39
N HIS A 157 -20.93 9.82 -7.19
CA HIS A 157 -20.47 9.16 -5.97
C HIS A 157 -21.60 8.46 -5.22
N TYR A 158 -21.42 7.16 -5.00
CA TYR A 158 -22.46 6.28 -4.47
C TYR A 158 -22.12 5.67 -3.10
N LEU A 159 -23.10 5.63 -2.22
CA LEU A 159 -22.99 4.95 -0.94
C LEU A 159 -23.94 3.73 -0.96
N PRO A 160 -23.46 2.54 -0.55
CA PRO A 160 -24.25 1.30 -0.64
C PRO A 160 -25.36 1.19 0.41
N PRO A 161 -26.38 0.35 0.15
CA PRO A 161 -27.52 0.19 1.06
C PRO A 161 -27.13 -0.06 2.51
N ALA A 162 -26.14 -0.92 2.77
CA ALA A 162 -25.73 -1.22 4.14
C ALA A 162 -25.22 0.01 4.90
N LEU A 163 -24.53 0.90 4.19
CA LEU A 163 -24.09 2.15 4.80
C LEU A 163 -25.28 3.06 5.06
N ILE A 164 -26.17 3.17 4.07
CA ILE A 164 -27.33 4.04 4.16
C ILE A 164 -28.27 3.57 5.28
N GLU A 165 -28.43 2.25 5.38
CA GLU A 165 -29.23 1.65 6.44
C GLU A 165 -28.66 1.96 7.81
N ALA A 166 -27.34 1.91 7.95
CA ALA A 166 -26.71 2.20 9.23
C ALA A 166 -26.88 3.68 9.62
N ILE A 167 -26.79 4.56 8.63
CA ILE A 167 -27.02 5.99 8.86
C ILE A 167 -28.48 6.20 9.30
N GLU A 168 -29.40 5.57 8.59
CA GLU A 168 -30.82 5.66 8.89
C GLU A 168 -31.12 5.22 10.32
N LYS A 169 -30.44 4.16 10.78
CA LYS A 169 -30.60 3.73 12.17
C LYS A 169 -30.02 4.69 13.20
N GLU A 170 -28.80 5.19 12.98
CA GLU A 170 -28.17 6.09 13.95
C GLU A 170 -28.73 7.51 13.92
N SER A 171 -29.09 7.99 12.74
CA SER A 171 -29.48 9.39 12.60
C SER A 171 -30.34 9.61 11.36
N PRO A 172 -31.66 9.38 11.49
CA PRO A 172 -32.60 9.63 10.40
C PRO A 172 -32.47 11.07 9.89
N ALA A 173 -32.14 12.00 10.78
CA ALA A 173 -32.03 13.39 10.39
C ALA A 173 -30.85 13.60 9.43
N LEU A 174 -29.78 12.81 9.61
CA LEU A 174 -28.63 12.94 8.72
C LEU A 174 -29.03 12.48 7.32
N LEU A 175 -29.75 11.35 7.24
CA LEU A 175 -30.20 10.85 5.94
C LEU A 175 -31.04 11.91 5.24
N LYS A 176 -31.94 12.55 6.00
CA LYS A 176 -32.73 13.64 5.44
C LYS A 176 -31.86 14.81 4.98
N ASN A 177 -30.92 15.25 5.80
CA ASN A 177 -29.98 16.31 5.39
C ASN A 177 -29.25 15.94 4.10
N MET A 178 -28.88 14.67 3.99
CA MET A 178 -28.18 14.18 2.80
C MET A 178 -29.09 14.25 1.57
N GLU A 179 -30.32 13.81 1.73
CA GLU A 179 -31.24 13.84 0.60
C GLU A 179 -31.53 15.27 0.16
N GLU A 180 -31.61 16.19 1.10
CA GLU A 180 -31.80 17.60 0.75
C GLU A 180 -30.57 18.13 0.03
N ALA A 181 -29.41 17.56 0.34
CA ALA A 181 -28.16 17.96 -0.30
C ALA A 181 -28.02 17.34 -1.69
N GLY A 182 -28.92 16.42 -2.04
CA GLY A 182 -28.91 15.86 -3.39
C GLY A 182 -28.61 14.39 -3.48
N TRP A 183 -28.37 13.74 -2.35
CA TRP A 183 -28.18 12.29 -2.36
C TRP A 183 -29.51 11.62 -2.72
N ILE A 184 -29.52 10.86 -3.81
CA ILE A 184 -30.78 10.31 -4.32
C ILE A 184 -30.83 8.79 -4.17
N ALA A 185 -31.99 8.28 -3.76
CA ALA A 185 -32.24 6.85 -3.62
C ALA A 185 -31.96 6.07 -4.91
N CYS A 186 -31.32 4.91 -4.79
CA CYS A 186 -30.95 4.13 -5.96
C CYS A 186 -31.66 2.79 -6.04
N ALA A 187 -31.84 2.31 -7.27
CA ALA A 187 -32.30 0.94 -7.50
C ALA A 187 -31.13 -0.04 -7.34
N ALA A 188 -31.35 -1.30 -7.70
CA ALA A 188 -30.33 -2.32 -7.54
C ALA A 188 -29.26 -2.13 -8.60
N GLY A 189 -28.08 -2.72 -8.39
CA GLY A 189 -27.05 -2.63 -9.40
C GLY A 189 -25.64 -3.01 -8.99
N TYR A 190 -24.68 -2.26 -9.51
CA TYR A 190 -23.27 -2.57 -9.31
C TYR A 190 -22.55 -1.35 -8.77
N TRP A 191 -21.71 -1.58 -7.77
CA TRP A 191 -21.03 -0.51 -7.05
C TRP A 191 -19.52 -0.72 -7.09
N GLN A 192 -18.79 0.34 -7.35
CA GLN A 192 -17.34 0.30 -7.22
C GLN A 192 -16.96 0.86 -5.86
N ALA A 193 -16.70 -0.03 -4.91
CA ALA A 193 -16.36 0.38 -3.56
C ALA A 193 -14.99 1.04 -3.51
N GLY A 194 -14.12 0.61 -4.43
CA GLY A 194 -12.74 1.04 -4.37
C GLY A 194 -12.10 0.42 -3.14
N LYS A 195 -12.47 -0.83 -2.84
CA LYS A 195 -11.83 -1.58 -1.76
C LYS A 195 -10.32 -1.71 -2.00
N ALA A 196 -9.51 -1.34 -0.99
CA ALA A 196 -8.06 -1.28 -1.14
C ALA A 196 -7.68 -0.43 -2.35
N ARG A 197 -8.39 0.68 -2.54
CA ARG A 197 -8.09 1.60 -3.63
C ARG A 197 -7.81 3.00 -3.12
N SER A 198 -7.09 3.76 -3.93
CA SER A 198 -6.83 5.16 -3.62
C SER A 198 -6.85 5.94 -4.91
N PRO A 199 -7.44 7.15 -4.87
CA PRO A 199 -7.43 8.02 -6.04
C PRO A 199 -6.06 8.67 -6.24
N TYR A 200 -5.11 8.38 -5.35
CA TYR A 200 -3.77 8.99 -5.45
C TYR A 200 -2.64 7.97 -5.72
N LEU A 201 -2.99 6.70 -5.91
CA LEU A 201 -1.98 5.68 -6.21
C LEU A 201 -1.33 5.91 -7.57
N PRO A 202 0.00 6.06 -7.59
CA PRO A 202 0.72 6.28 -8.86
C PRO A 202 1.08 4.98 -9.56
N ILE A 203 0.60 4.83 -10.78
CA ILE A 203 0.83 3.59 -11.52
C ILE A 203 1.50 3.80 -12.87
N THR A 204 1.84 5.05 -13.18
CA THR A 204 2.50 5.36 -14.44
C THR A 204 3.87 5.96 -14.15
N PRO A 205 4.78 5.91 -15.14
CA PRO A 205 6.11 6.48 -14.93
C PRO A 205 6.07 7.93 -14.45
N GLU A 206 5.17 8.73 -15.02
CA GLU A 206 5.07 10.15 -14.67
C GLU A 206 4.62 10.34 -13.24
N ALA A 207 3.56 9.63 -12.87
CA ALA A 207 3.01 9.72 -11.53
C ALA A 207 3.96 9.13 -10.48
N ILE A 208 4.59 8.00 -10.82
CA ILE A 208 5.55 7.38 -9.92
C ILE A 208 6.73 8.32 -9.66
N THR A 209 7.22 8.94 -10.73
CA THR A 209 8.31 9.92 -10.59
C THR A 209 7.89 11.06 -9.66
N GLU A 210 6.71 11.62 -9.89
CA GLU A 210 6.28 12.78 -9.11
C GLU A 210 6.12 12.43 -7.63
N GLU A 211 5.55 11.26 -7.35
CA GLU A 211 5.36 10.83 -5.96
C GLU A 211 6.69 10.53 -5.28
N THR A 212 7.61 9.91 -6.02
CA THR A 212 8.96 9.64 -5.51
C THR A 212 9.64 10.94 -5.07
N ILE A 213 9.62 11.93 -5.93
CA ILE A 213 10.23 13.22 -5.62
C ILE A 213 9.53 13.93 -4.44
N ARG A 214 8.20 13.96 -4.46
CA ARG A 214 7.48 14.53 -3.32
C ARG A 214 7.78 13.80 -2.02
N SER A 215 7.83 12.47 -2.07
CA SER A 215 8.13 11.70 -0.87
C SER A 215 9.52 12.00 -0.31
N MET A 216 10.50 12.10 -1.19
CA MET A 216 11.85 12.46 -0.78
C MET A 216 11.88 13.85 -0.16
N ARG A 217 11.13 14.78 -0.75
CA ARG A 217 11.13 16.15 -0.24
C ARG A 217 10.39 16.29 1.07
N ALA A 218 9.51 15.34 1.36
CA ALA A 218 8.78 15.31 2.63
C ALA A 218 9.62 14.62 3.69
N GLY A 219 10.76 14.05 3.28
CA GLY A 219 11.70 13.47 4.24
C GLY A 219 12.22 12.06 4.00
N ALA A 220 11.74 11.39 2.95
CA ALA A 220 12.15 10.00 2.72
C ALA A 220 13.56 9.94 2.12
N ALA A 221 14.43 9.13 2.70
CA ALA A 221 15.79 8.96 2.18
C ALA A 221 15.85 7.89 1.07
N VAL A 222 14.95 6.91 1.15
CA VAL A 222 14.95 5.78 0.23
C VAL A 222 13.54 5.57 -0.31
N VAL A 223 13.42 5.27 -1.61
CA VAL A 223 12.10 5.01 -2.18
C VAL A 223 12.05 3.61 -2.79
N HIS A 224 11.17 2.77 -2.25
CA HIS A 224 10.97 1.40 -2.73
C HIS A 224 9.89 1.41 -3.82
N LEU A 225 10.24 0.95 -5.01
CA LEU A 225 9.38 1.06 -6.18
C LEU A 225 8.84 -0.29 -6.68
N HIS A 226 7.58 -0.28 -7.11
CA HIS A 226 7.03 -1.31 -7.98
C HIS A 226 6.53 -0.64 -9.26
N THR A 227 6.38 -1.44 -10.31
CA THR A 227 5.64 -1.04 -11.50
C THR A 227 4.42 -1.93 -11.65
N ARG A 228 3.49 -1.51 -12.50
CA ARG A 228 2.24 -2.24 -12.75
C ARG A 228 2.01 -2.37 -14.25
N ASP A 229 1.40 -3.48 -14.65
CA ASP A 229 1.09 -3.72 -16.05
C ASP A 229 -0.28 -3.11 -16.39
N LEU A 230 -0.29 -2.11 -17.27
CA LEU A 230 -1.53 -1.41 -17.63
C LEU A 230 -1.98 -1.70 -19.06
N SER A 231 -1.43 -2.75 -19.67
CA SER A 231 -1.70 -3.05 -21.08
C SER A 231 -3.12 -3.55 -21.30
N ASP A 232 -3.79 -3.99 -20.23
CA ASP A 232 -5.14 -4.51 -20.33
C ASP A 232 -6.25 -3.46 -20.09
N ARG A 233 -5.88 -2.18 -20.13
CA ARG A 233 -6.87 -1.11 -19.90
C ARG A 233 -7.92 -1.10 -21.01
N ARG A 234 -9.19 -1.08 -20.64
CA ARG A 234 -10.25 -1.02 -21.65
C ARG A 234 -11.44 -0.21 -21.16
N ARG A 235 -11.99 0.61 -22.05
CA ARG A 235 -13.10 1.49 -21.73
C ARG A 235 -14.43 0.81 -22.06
N ILE A 236 -15.29 0.67 -21.05
CA ILE A 236 -16.61 0.07 -21.23
C ILE A 236 -17.67 1.18 -21.27
N GLU A 237 -18.42 1.26 -22.35
CA GLU A 237 -19.42 2.32 -22.50
C GLU A 237 -20.82 1.83 -22.12
N ILE A 238 -21.49 2.62 -21.28
CA ILE A 238 -22.80 2.25 -20.76
C ILE A 238 -23.79 3.38 -20.97
N PRO A 239 -24.83 3.14 -21.79
CA PRO A 239 -25.80 4.20 -22.11
C PRO A 239 -26.46 4.76 -20.87
N GLY A 240 -26.77 6.04 -20.89
CA GLY A 240 -27.38 6.68 -19.74
C GLY A 240 -26.47 6.67 -18.52
N LEU A 241 -25.17 6.63 -18.77
CA LEU A 241 -24.20 6.58 -17.67
C LEU A 241 -22.85 7.12 -18.09
N GLY A 242 -22.30 6.59 -19.17
CA GLY A 242 -20.99 7.03 -19.65
C GLY A 242 -19.96 5.93 -19.62
N VAL A 243 -18.68 6.31 -19.64
CA VAL A 243 -17.60 5.34 -19.73
C VAL A 243 -17.01 4.98 -18.36
N VAL A 244 -16.84 3.68 -18.15
CA VAL A 244 -16.10 3.17 -17.01
C VAL A 244 -14.83 2.47 -17.57
N THR A 245 -13.69 2.67 -16.92
CA THR A 245 -12.43 2.08 -17.37
C THR A 245 -12.00 0.96 -16.42
N VAL A 246 -11.77 -0.23 -16.96
CA VAL A 246 -11.32 -1.36 -16.16
C VAL A 246 -9.90 -1.81 -16.52
N GLY A 247 -9.29 -2.59 -15.63
CA GLY A 247 -7.90 -3.02 -15.78
C GLY A 247 -7.38 -3.67 -14.51
N SER A 248 -6.53 -4.69 -14.67
CA SER A 248 -6.01 -5.43 -13.52
C SER A 248 -5.04 -4.61 -12.65
N GLN A 249 -4.32 -3.68 -13.27
CA GLN A 249 -3.21 -2.97 -12.61
C GLN A 249 -2.26 -3.95 -11.92
N ARG A 250 -2.08 -5.10 -12.56
CA ARG A 250 -1.37 -6.23 -11.97
C ARG A 250 0.08 -5.89 -11.68
N ASN A 251 0.56 -6.33 -10.52
CA ASN A 251 1.95 -6.12 -10.15
C ASN A 251 2.83 -6.81 -11.16
N GLN A 252 3.82 -6.09 -11.67
CA GLN A 252 4.68 -6.59 -12.74
C GLN A 252 5.89 -5.69 -12.92
N ILE A 253 7.08 -6.30 -12.97
CA ILE A 253 8.29 -5.60 -13.35
C ILE A 253 8.15 -5.20 -14.83
N VAL A 254 8.08 -3.91 -15.09
CA VAL A 254 7.93 -3.41 -16.45
C VAL A 254 9.19 -2.66 -16.82
N LEU A 255 10.00 -3.24 -17.69
CA LEU A 255 11.31 -2.69 -17.99
C LEU A 255 11.23 -1.30 -18.61
N ASP A 256 10.29 -1.10 -19.53
CA ASP A 256 10.20 0.21 -20.17
C ASP A 256 9.83 1.29 -19.15
N ASP A 257 9.01 0.94 -18.16
CA ASP A 257 8.66 1.90 -17.11
C ASP A 257 9.90 2.35 -16.33
N TYR A 258 10.72 1.39 -15.91
CA TYR A 258 11.94 1.75 -15.19
C TYR A 258 12.94 2.52 -16.06
N ASP A 259 12.98 2.25 -17.35
CA ASP A 259 13.84 2.99 -18.26
C ASP A 259 13.48 4.47 -18.26
N ALA A 260 12.20 4.74 -17.99
CA ALA A 260 11.69 6.11 -17.88
C ALA A 260 11.89 6.65 -16.45
N ILE A 261 11.46 5.87 -15.46
CA ILE A 261 11.48 6.32 -14.07
C ILE A 261 12.87 6.67 -13.55
N VAL A 262 13.84 5.77 -13.74
CA VAL A 262 15.16 5.98 -13.17
C VAL A 262 15.79 7.33 -13.58
N PRO A 263 15.87 7.63 -14.89
CA PRO A 263 16.45 8.94 -15.21
C PRO A 263 15.53 10.13 -14.93
N MET A 264 14.21 9.94 -14.96
CA MET A 264 13.31 11.06 -14.68
C MET A 264 13.45 11.49 -13.22
N VAL A 265 13.54 10.51 -12.32
CA VAL A 265 13.79 10.80 -10.91
C VAL A 265 15.15 11.47 -10.72
N LYS A 266 16.17 10.86 -11.29
CA LYS A 266 17.55 11.33 -11.10
C LYS A 266 17.80 12.72 -11.69
N LYS A 267 17.06 13.10 -12.70
CA LYS A 267 17.22 14.45 -13.26
C LYS A 267 16.80 15.50 -12.22
N ARG A 268 15.79 15.19 -11.42
CA ARG A 268 15.28 16.16 -10.46
C ARG A 268 15.93 16.01 -9.09
N GLU A 269 16.16 14.77 -8.67
CA GLU A 269 16.84 14.51 -7.41
C GLU A 269 17.92 13.46 -7.63
N PRO A 270 19.14 13.90 -7.98
CA PRO A 270 20.21 12.93 -8.27
C PRO A 270 20.68 12.15 -7.05
N ALA A 271 20.31 12.62 -5.85
CA ALA A 271 20.65 11.90 -4.62
C ALA A 271 19.72 10.74 -4.33
N ALA A 272 18.61 10.66 -5.08
CA ALA A 272 17.57 9.66 -4.78
C ALA A 272 18.16 8.27 -4.69
N ILE A 273 17.79 7.57 -3.62
CA ILE A 273 18.19 6.18 -3.44
C ILE A 273 17.01 5.31 -3.83
N LEU A 274 17.11 4.66 -4.99
CA LEU A 274 16.02 3.85 -5.48
C LEU A 274 16.19 2.39 -5.05
N ASN A 275 15.12 1.84 -4.49
CA ASN A 275 15.06 0.46 -4.02
C ASN A 275 14.03 -0.28 -4.91
N LEU A 276 14.52 -1.01 -5.91
CA LEU A 276 13.62 -1.63 -6.86
C LEU A 276 13.10 -2.98 -6.39
N SER A 277 11.77 -3.14 -6.40
CA SER A 277 11.18 -4.45 -6.10
C SER A 277 11.53 -5.49 -7.15
N THR A 278 11.95 -6.67 -6.69
CA THR A 278 12.17 -7.81 -7.58
C THR A 278 11.07 -8.83 -7.41
N SER A 279 10.03 -8.44 -6.70
CA SER A 279 8.93 -9.35 -6.38
C SER A 279 8.10 -9.76 -7.60
N VAL A 280 7.64 -11.01 -7.64
CA VAL A 280 6.65 -11.40 -8.66
C VAL A 280 5.30 -11.78 -8.04
N ARG A 281 5.02 -11.16 -6.90
CA ARG A 281 3.72 -11.30 -6.23
C ARG A 281 2.57 -11.12 -7.22
N GLY A 282 1.58 -12.01 -7.11
CA GLY A 282 0.42 -11.97 -7.98
C GLY A 282 0.67 -12.74 -9.26
N ASP A 283 1.93 -13.07 -9.50
CA ASP A 283 2.35 -13.62 -10.77
C ASP A 283 3.24 -14.84 -10.56
N ARG A 284 2.61 -15.94 -10.15
CA ARG A 284 3.25 -17.26 -10.20
C ARG A 284 3.77 -17.57 -11.60
N HIS A 285 4.64 -18.57 -11.69
CA HIS A 285 5.24 -19.00 -12.96
C HIS A 285 6.35 -18.09 -13.52
N GLY A 286 6.70 -17.03 -12.80
CA GLY A 286 7.83 -16.20 -13.21
C GLY A 286 8.95 -16.15 -12.17
N ALA A 287 8.90 -17.06 -11.20
CA ALA A 287 9.73 -16.94 -9.99
C ALA A 287 11.22 -17.17 -10.18
N ARG A 288 11.61 -17.82 -11.29
CA ARG A 288 13.04 -18.02 -11.57
C ARG A 288 13.52 -17.19 -12.76
N SER A 289 12.60 -16.43 -13.36
CA SER A 289 12.90 -15.65 -14.55
C SER A 289 13.95 -14.56 -14.35
N LYS A 290 14.79 -14.37 -15.37
CA LYS A 290 15.81 -13.33 -15.35
C LYS A 290 15.16 -11.94 -15.37
N LEU A 291 13.87 -11.87 -15.70
CA LEU A 291 13.13 -10.63 -15.61
C LEU A 291 13.27 -10.03 -14.19
N ARG A 292 13.44 -10.90 -13.19
CA ARG A 292 13.53 -10.45 -11.79
C ARG A 292 14.83 -9.72 -11.47
N ARG A 293 15.76 -9.67 -12.42
CA ARG A 293 16.94 -8.81 -12.29
C ARG A 293 17.20 -7.96 -13.54
N ALA A 294 16.36 -8.10 -14.57
CA ALA A 294 16.58 -7.36 -15.83
C ALA A 294 16.51 -5.84 -15.64
N HIS A 295 15.78 -5.38 -14.64
CA HIS A 295 15.73 -3.95 -14.31
C HIS A 295 16.88 -3.52 -13.41
N LEU A 296 17.75 -4.45 -13.06
CA LEU A 296 18.87 -4.12 -12.18
C LEU A 296 20.15 -3.97 -12.98
N LYS A 297 20.04 -3.24 -14.09
CA LYS A 297 21.18 -3.03 -14.97
C LYS A 297 21.86 -1.71 -14.67
N PHE A 298 23.04 -1.50 -15.23
CA PHE A 298 23.64 -0.16 -15.27
C PHE A 298 22.79 0.71 -16.18
N TYR A 299 22.25 1.80 -15.64
CA TYR A 299 21.48 2.74 -16.44
C TYR A 299 22.40 3.83 -16.99
N ASP A 300 22.69 3.77 -18.29
CA ASP A 300 23.63 4.74 -18.90
C ASP A 300 23.24 6.21 -18.69
N ASP A 301 21.94 6.50 -18.67
CA ASP A 301 21.49 7.89 -18.55
C ASP A 301 21.82 8.46 -17.19
N VAL A 302 22.17 7.59 -16.27
CA VAL A 302 22.23 7.93 -14.87
C VAL A 302 23.61 7.59 -14.30
N GLY A 303 24.35 6.77 -15.05
CA GLY A 303 25.70 6.42 -14.65
C GLY A 303 25.83 5.46 -13.48
N SER A 304 24.79 4.68 -13.20
CA SER A 304 24.88 3.64 -12.18
C SER A 304 23.76 2.61 -12.32
N ALA A 305 23.92 1.48 -11.63
CA ALA A 305 22.84 0.53 -11.42
C ALA A 305 21.97 1.04 -10.26
N PRO A 306 20.76 0.47 -10.08
CA PRO A 306 19.97 0.92 -8.92
C PRO A 306 20.72 0.70 -7.60
N GLU A 307 20.53 1.60 -6.64
CA GLU A 307 21.28 1.56 -5.39
C GLU A 307 20.94 0.32 -4.57
N VAL A 308 19.66 -0.02 -4.55
CA VAL A 308 19.13 -1.06 -3.69
C VAL A 308 18.09 -1.84 -4.48
N ALA A 309 17.93 -3.11 -4.16
CA ALA A 309 16.80 -3.86 -4.72
C ALA A 309 16.39 -4.94 -3.73
N SER A 310 15.11 -5.29 -3.76
CA SER A 310 14.63 -6.24 -2.76
C SER A 310 15.09 -7.68 -3.06
N LEU A 311 15.28 -8.46 -2.00
CA LEU A 311 15.70 -9.85 -2.11
C LEU A 311 15.10 -10.63 -0.94
N SER A 312 14.39 -11.71 -1.25
CA SER A 312 13.76 -12.55 -0.23
C SER A 312 14.30 -13.98 -0.34
N PRO A 313 15.12 -14.42 0.62
CA PRO A 313 15.83 -15.68 0.42
C PRO A 313 15.09 -16.93 0.94
N ALA A 314 13.78 -16.97 0.72
CA ALA A 314 12.95 -18.15 0.89
C ALA A 314 11.67 -17.87 0.16
N ALA A 315 10.87 -18.92 -0.06
CA ALA A 315 9.52 -18.76 -0.60
C ALA A 315 8.73 -17.81 0.30
N VAL A 316 7.93 -16.93 -0.31
CA VAL A 316 7.07 -16.02 0.46
C VAL A 316 5.65 -16.52 0.27
N VAL A 317 5.03 -17.01 1.34
CA VAL A 317 3.73 -17.65 1.25
C VAL A 317 2.74 -16.93 2.16
N PHE A 318 2.11 -15.88 1.64
CA PHE A 318 1.18 -15.08 2.43
C PHE A 318 -0.03 -15.93 2.84
N GLN A 319 -0.41 -15.85 4.12
CA GLN A 319 -1.63 -16.54 4.54
C GLN A 319 -2.83 -16.06 3.75
N GLY A 320 -2.82 -14.79 3.36
CA GLY A 320 -3.89 -14.24 2.54
C GLY A 320 -3.86 -14.64 1.07
N GLY A 321 -2.89 -15.46 0.68
CA GLY A 321 -2.73 -15.88 -0.71
C GLY A 321 -1.82 -15.01 -1.57
N GLY A 322 -1.38 -15.55 -2.71
CA GLY A 322 -0.69 -14.74 -3.71
C GLY A 322 0.83 -14.69 -3.68
N GLY A 323 1.46 -15.52 -2.87
CA GLY A 323 2.91 -15.51 -2.71
C GLY A 323 3.74 -15.93 -3.92
N TYR A 324 5.05 -16.08 -3.72
CA TYR A 324 5.96 -16.41 -4.82
C TYR A 324 7.23 -17.07 -4.28
N ASP A 325 7.78 -17.97 -5.08
CA ASP A 325 8.98 -18.71 -4.68
C ASP A 325 10.24 -17.86 -4.86
N ASN A 326 11.25 -18.19 -4.08
CA ASN A 326 12.59 -17.72 -4.31
C ASN A 326 13.50 -18.92 -4.10
N ALA A 327 13.74 -19.68 -5.17
CA ALA A 327 14.49 -20.94 -5.06
C ALA A 327 16.00 -20.71 -4.92
N PRO A 328 16.73 -21.72 -4.38
CA PRO A 328 18.19 -21.58 -4.25
C PRO A 328 18.94 -21.28 -5.56
N ASP A 329 18.56 -21.90 -6.68
CA ASP A 329 19.26 -21.62 -7.95
C ASP A 329 19.01 -20.19 -8.44
N PHE A 330 17.75 -19.77 -8.38
CA PHE A 330 17.41 -18.39 -8.65
C PHE A 330 18.20 -17.41 -7.77
N LEU A 331 18.25 -17.68 -6.47
CA LEU A 331 18.95 -16.80 -5.55
C LEU A 331 20.45 -16.72 -5.81
N ASP A 332 21.05 -17.85 -6.19
CA ASP A 332 22.46 -17.85 -6.58
C ASP A 332 22.71 -16.87 -7.72
N ALA A 333 21.81 -16.89 -8.70
CA ALA A 333 21.87 -15.98 -9.85
C ALA A 333 21.65 -14.51 -9.43
N GLN A 334 20.64 -14.26 -8.60
CA GLN A 334 20.41 -12.90 -8.07
C GLN A 334 21.64 -12.34 -7.40
N PHE A 335 22.16 -13.06 -6.40
CA PHE A 335 23.32 -12.57 -5.66
C PHE A 335 24.50 -12.30 -6.58
N ASP A 336 24.77 -13.22 -7.52
CA ASP A 336 25.84 -13.03 -8.50
C ASP A 336 25.63 -11.71 -9.24
N HIS A 337 24.40 -11.44 -9.61
CA HIS A 337 24.10 -10.24 -10.37
C HIS A 337 24.20 -8.95 -9.54
N PHE A 338 23.60 -8.94 -8.36
CA PHE A 338 23.67 -7.76 -7.48
C PHE A 338 25.15 -7.43 -7.25
N GLU A 339 25.95 -8.45 -6.94
CA GLU A 339 27.37 -8.24 -6.66
C GLU A 339 28.06 -7.61 -7.88
N ARG A 340 27.78 -8.16 -9.06
CA ARG A 340 28.38 -7.66 -10.29
C ARG A 340 28.04 -6.20 -10.64
N VAL A 341 26.77 -5.82 -10.53
CA VAL A 341 26.39 -4.46 -10.93
C VAL A 341 26.49 -3.44 -9.81
N GLY A 342 26.77 -3.89 -8.59
CA GLY A 342 26.89 -2.99 -7.45
C GLY A 342 25.58 -2.53 -6.83
N THR A 343 24.55 -3.38 -6.89
CA THR A 343 23.28 -3.09 -6.22
C THR A 343 23.28 -3.73 -4.84
N ARG A 344 22.90 -2.96 -3.83
CA ARG A 344 22.85 -3.51 -2.47
C ARG A 344 21.49 -4.17 -2.23
N PRO A 345 21.49 -5.46 -1.84
CA PRO A 345 20.18 -6.05 -1.58
C PRO A 345 19.55 -5.47 -0.31
N GLU A 346 18.23 -5.33 -0.33
CA GLU A 346 17.53 -5.15 0.93
C GLU A 346 16.84 -6.48 1.16
N VAL A 347 17.20 -7.15 2.26
CA VAL A 347 16.56 -8.43 2.58
C VAL A 347 15.16 -8.14 3.12
N GLU A 348 14.15 -8.55 2.37
CA GLU A 348 12.76 -8.42 2.81
C GLU A 348 12.47 -9.56 3.76
N VAL A 349 12.45 -9.27 5.05
CA VAL A 349 12.24 -10.33 6.04
C VAL A 349 10.73 -10.60 6.23
N PHE A 350 10.20 -11.47 5.38
CA PHE A 350 8.77 -11.81 5.42
C PHE A 350 8.45 -12.83 6.51
N ASN A 351 9.41 -13.68 6.86
CA ASN A 351 9.10 -14.86 7.67
C ASN A 351 10.34 -15.40 8.38
N HIS A 352 10.15 -16.36 9.28
CA HIS A 352 11.29 -16.90 10.02
C HIS A 352 12.24 -17.71 9.13
N ALA A 353 11.70 -18.35 8.11
CA ALA A 353 12.55 -19.06 7.15
C ALA A 353 13.59 -18.11 6.57
N ILE A 354 13.17 -16.88 6.26
CA ILE A 354 14.12 -15.90 5.73
C ILE A 354 15.20 -15.55 6.76
N VAL A 355 14.82 -15.38 8.02
CA VAL A 355 15.81 -15.13 9.08
C VAL A 355 16.82 -16.28 9.18
N ASP A 356 16.31 -17.51 9.24
CA ASP A 356 17.17 -18.70 9.29
C ASP A 356 18.14 -18.74 8.11
N ASN A 357 17.62 -18.50 6.91
CA ASN A 357 18.45 -18.59 5.70
C ASN A 357 19.48 -17.47 5.57
N ALA A 358 19.06 -16.24 5.86
CA ALA A 358 19.94 -15.09 5.71
C ALA A 358 21.11 -15.20 6.66
N THR A 359 20.85 -15.72 7.86
CA THR A 359 21.90 -15.78 8.88
C THR A 359 22.74 -17.06 8.80
N SER A 360 22.39 -17.98 7.91
CA SER A 360 23.18 -19.21 7.76
C SER A 360 23.73 -19.35 6.35
N LEU A 361 22.99 -20.06 5.51
CA LEU A 361 23.45 -20.35 4.16
C LEU A 361 23.82 -19.12 3.30
N TYR A 362 23.01 -18.06 3.38
CA TYR A 362 23.25 -16.92 2.52
C TYR A 362 24.09 -15.84 3.16
N ARG A 363 24.63 -16.12 4.35
CA ARG A 363 25.32 -15.06 5.10
C ARG A 363 26.54 -14.53 4.38
N ASP A 364 27.39 -15.41 3.86
CA ASP A 364 28.59 -14.95 3.17
C ASP A 364 28.26 -14.17 1.90
N ARG A 365 27.22 -14.58 1.19
CA ARG A 365 26.79 -13.87 -0.02
C ARG A 365 26.30 -12.47 0.31
N LEU A 366 25.58 -12.34 1.42
CA LEU A 366 25.10 -11.04 1.87
C LEU A 366 26.26 -10.15 2.29
N LEU A 367 27.30 -10.75 2.86
CA LEU A 367 28.47 -9.96 3.24
C LEU A 367 29.17 -9.47 1.99
N ARG A 368 29.23 -10.33 0.99
CA ARG A 368 29.86 -9.99 -0.29
C ARG A 368 29.20 -8.84 -1.03
N THR A 369 27.88 -8.65 -0.85
CA THR A 369 27.20 -7.61 -1.59
C THR A 369 27.32 -6.25 -0.91
N GLY A 370 28.04 -6.20 0.22
CA GLY A 370 28.40 -4.94 0.85
C GLY A 370 27.78 -4.63 2.21
N LYS A 371 28.55 -3.96 3.06
CA LYS A 371 28.11 -3.58 4.39
C LYS A 371 27.78 -2.09 4.42
N PRO A 372 26.83 -1.68 5.26
CA PRO A 372 25.95 -2.51 6.11
C PRO A 372 24.98 -3.35 5.29
N VAL A 373 24.69 -4.54 5.78
CA VAL A 373 23.67 -5.40 5.18
C VAL A 373 22.31 -4.83 5.58
N LEU A 374 21.39 -4.76 4.62
CA LEU A 374 20.12 -4.06 4.83
C LEU A 374 18.96 -5.04 4.99
N PHE A 375 18.10 -4.80 5.98
CA PHE A 375 16.94 -5.66 6.24
C PHE A 375 15.68 -4.81 6.39
N MET A 376 14.56 -5.34 5.91
CA MET A 376 13.24 -4.73 6.12
C MET A 376 12.36 -5.76 6.79
N LEU A 377 11.90 -5.46 8.02
CA LEU A 377 11.00 -6.37 8.72
C LEU A 377 9.57 -6.18 8.22
N VAL A 378 9.03 -7.19 7.53
CA VAL A 378 7.66 -7.13 7.06
C VAL A 378 6.74 -7.59 8.20
N ALA A 379 6.63 -6.75 9.22
CA ALA A 379 5.94 -7.15 10.43
C ALA A 379 4.42 -7.04 10.30
N GLY A 380 3.71 -7.95 10.95
CA GLY A 380 2.25 -7.84 11.05
C GLY A 380 1.50 -8.45 9.88
N VAL A 381 2.24 -9.02 8.94
CA VAL A 381 1.62 -9.68 7.81
C VAL A 381 1.72 -11.20 8.01
N ASP A 382 0.58 -11.88 8.11
CA ASP A 382 0.56 -13.31 8.42
C ASP A 382 1.19 -14.14 7.30
N GLN A 383 2.07 -15.07 7.67
CA GLN A 383 2.83 -15.87 6.70
C GLN A 383 2.73 -17.35 7.00
N TYR A 384 2.89 -18.18 5.97
CA TYR A 384 2.95 -19.63 6.15
C TYR A 384 4.35 -20.12 5.82
N ARG A 385 4.67 -21.32 6.30
CA ARG A 385 5.74 -22.11 5.70
C ARG A 385 5.11 -23.44 5.28
N ARG A 386 5.40 -23.89 4.07
CA ARG A 386 4.82 -25.14 3.59
C ARG A 386 5.85 -26.26 3.68
N ASP A 387 5.41 -27.39 4.24
CA ASP A 387 6.22 -28.60 4.31
C ASP A 387 6.29 -29.19 2.90
N PRO A 388 7.51 -29.32 2.34
CA PRO A 388 7.57 -29.79 0.95
C PRO A 388 7.12 -31.25 0.83
N ILE A 389 7.16 -31.99 1.93
CA ILE A 389 6.82 -33.41 1.88
C ILE A 389 5.32 -33.62 1.93
N THR A 390 4.67 -33.05 2.95
CA THR A 390 3.24 -33.26 3.15
C THR A 390 2.39 -32.21 2.41
N GLY A 391 2.98 -31.05 2.16
CA GLY A 391 2.24 -29.96 1.55
C GLY A 391 1.46 -29.14 2.56
N GLU A 392 1.57 -29.51 3.84
CA GLU A 392 0.86 -28.78 4.89
C GLU A 392 1.56 -27.47 5.26
N VAL A 393 0.77 -26.51 5.72
CA VAL A 393 1.32 -25.21 6.10
C VAL A 393 1.25 -24.99 7.60
N GLU A 394 2.19 -24.21 8.12
CA GLU A 394 2.16 -23.77 9.49
C GLU A 394 2.52 -22.30 9.52
N ASP A 395 2.15 -21.63 10.61
CA ASP A 395 2.50 -20.23 10.81
C ASP A 395 4.01 -20.02 10.79
N ASP A 396 4.46 -18.99 10.07
CA ASP A 396 5.86 -18.64 10.02
C ASP A 396 6.01 -17.12 10.07
N SER A 397 4.95 -16.45 10.54
CA SER A 397 4.93 -14.99 10.66
C SER A 397 5.97 -14.48 11.67
N LEU A 398 6.52 -13.31 11.43
CA LEU A 398 7.46 -12.71 12.39
C LEU A 398 6.76 -12.47 13.73
N ILE A 399 5.59 -11.85 13.65
CA ILE A 399 4.71 -11.76 14.82
C ILE A 399 3.74 -12.91 14.65
N ALA A 400 3.85 -13.92 15.52
CA ALA A 400 2.98 -15.09 15.47
C ALA A 400 1.53 -14.66 15.29
N ARG A 401 0.79 -15.37 14.44
CA ARG A 401 -0.57 -14.96 14.12
C ARG A 401 -1.43 -14.82 15.37
N VAL A 402 -1.31 -15.77 16.30
CA VAL A 402 -2.08 -15.70 17.55
C VAL A 402 -1.76 -14.44 18.33
N VAL A 403 -0.49 -14.04 18.34
CA VAL A 403 -0.08 -12.81 19.00
C VAL A 403 -0.53 -11.60 18.19
N ARG A 404 -0.41 -11.69 16.86
CA ARG A 404 -0.86 -10.60 16.00
C ARG A 404 -2.35 -10.32 16.15
N GLU A 405 -3.14 -11.39 16.25
CA GLU A 405 -4.58 -11.25 16.49
C GLU A 405 -4.88 -10.51 17.80
N GLU A 406 -4.08 -10.77 18.83
CA GLU A 406 -4.22 -10.08 20.11
C GLU A 406 -3.89 -8.60 19.96
N ILE A 407 -2.85 -8.31 19.18
CA ILE A 407 -2.44 -6.93 18.90
C ILE A 407 -3.55 -6.14 18.18
N SER A 408 -4.16 -6.76 17.17
CA SER A 408 -5.25 -6.10 16.43
C SER A 408 -6.43 -5.81 17.36
N SER A 409 -6.75 -6.77 18.23
CA SER A 409 -7.81 -6.59 19.22
C SER A 409 -7.52 -5.41 20.15
N LEU A 410 -6.29 -5.37 20.67
CA LEU A 410 -5.87 -4.29 21.55
C LEU A 410 -5.92 -2.91 20.88
N LEU A 411 -5.45 -2.83 19.63
CA LEU A 411 -5.50 -1.56 18.90
C LEU A 411 -6.95 -1.11 18.68
N ALA A 412 -7.85 -2.08 18.57
CA ALA A 412 -9.27 -1.79 18.41
C ALA A 412 -9.92 -1.18 19.66
N ASP A 413 -9.29 -1.35 20.82
CA ASP A 413 -9.80 -0.78 22.07
C ASP A 413 -9.68 0.74 22.05
N GLU A 414 -8.64 1.24 21.39
CA GLU A 414 -8.34 2.67 21.35
C GLU A 414 -8.13 3.29 22.73
N SER A 415 -7.48 2.53 23.61
CA SER A 415 -7.13 3.05 24.93
C SER A 415 -5.61 3.07 25.11
N ALA A 416 -5.12 3.98 25.93
CA ALA A 416 -3.68 4.15 26.13
C ALA A 416 -3.02 2.93 26.77
N ASP A 417 -3.78 2.22 27.61
CA ASP A 417 -3.29 1.00 28.22
C ASP A 417 -3.15 -0.12 27.19
N SER A 418 -4.19 -0.30 26.39
CA SER A 418 -4.21 -1.34 25.36
C SER A 418 -3.11 -1.11 24.34
N HIS A 419 -2.94 0.14 23.91
CA HIS A 419 -1.85 0.47 23.00
C HIS A 419 -0.52 0.00 23.58
N ARG A 420 -0.32 0.26 24.87
CA ARG A 420 0.95 -0.11 25.50
C ARG A 420 1.14 -1.63 25.58
N ARG A 421 0.07 -2.37 25.84
CA ARG A 421 0.15 -3.82 25.81
C ARG A 421 0.49 -4.30 24.39
N ALA A 422 -0.14 -3.68 23.39
CA ALA A 422 0.09 -4.05 21.99
C ALA A 422 1.56 -3.86 21.60
N VAL A 423 2.13 -2.71 21.94
CA VAL A 423 3.55 -2.45 21.72
C VAL A 423 4.43 -3.52 22.37
N GLU A 424 4.09 -3.90 23.60
CA GLU A 424 4.83 -4.91 24.34
C GLU A 424 4.85 -6.26 23.61
N LEU A 425 3.69 -6.69 23.13
CA LEU A 425 3.58 -7.96 22.42
C LEU A 425 4.39 -7.93 21.12
N ALA A 426 4.39 -6.78 20.46
CA ALA A 426 5.09 -6.63 19.19
C ALA A 426 6.58 -6.74 19.41
N ILE A 427 7.08 -5.96 20.37
CA ILE A 427 8.49 -5.98 20.75
C ILE A 427 8.96 -7.38 21.18
N GLY A 428 8.14 -8.07 21.98
CA GLY A 428 8.47 -9.41 22.44
C GLY A 428 8.61 -10.41 21.29
N GLN A 429 7.77 -10.26 20.27
CA GLN A 429 7.84 -11.13 19.11
C GLN A 429 9.03 -10.76 18.21
N LEU A 430 9.25 -9.46 18.02
CA LEU A 430 10.24 -9.01 17.05
C LEU A 430 11.66 -8.97 17.61
N ARG A 431 11.79 -8.83 18.93
CA ARG A 431 13.11 -8.67 19.54
C ARG A 431 14.12 -9.79 19.18
N PRO A 432 13.73 -11.08 19.32
CA PRO A 432 14.72 -12.12 19.02
C PRO A 432 15.07 -12.14 17.53
N VAL A 433 14.13 -11.74 16.66
CA VAL A 433 14.42 -11.64 15.22
C VAL A 433 15.48 -10.57 15.00
N VAL A 434 15.27 -9.39 15.58
CA VAL A 434 16.24 -8.32 15.47
C VAL A 434 17.62 -8.75 16.00
N GLU A 435 17.65 -9.40 17.16
CA GLU A 435 18.91 -9.82 17.76
C GLU A 435 19.64 -10.90 16.96
N ARG A 436 18.89 -11.82 16.35
CA ARG A 436 19.51 -12.81 15.48
C ARG A 436 20.18 -12.12 14.31
N LEU A 437 19.50 -11.14 13.74
CA LEU A 437 20.08 -10.41 12.60
C LEU A 437 21.32 -9.62 13.02
N ARG A 438 21.24 -8.95 14.18
CA ARG A 438 22.38 -8.17 14.66
C ARG A 438 23.58 -9.04 15.01
N ALA A 439 23.32 -10.22 15.55
CA ALA A 439 24.38 -11.14 15.94
C ALA A 439 25.11 -11.63 14.69
N SER A 440 24.36 -11.94 13.62
CA SER A 440 24.98 -12.49 12.43
C SER A 440 25.58 -11.41 11.57
N PHE A 441 25.02 -10.21 11.66
CA PHE A 441 25.50 -9.10 10.85
C PHE A 441 25.71 -7.86 11.72
N PRO A 442 26.90 -7.78 12.36
CA PRO A 442 27.25 -6.64 13.23
C PRO A 442 27.17 -5.30 12.52
N VAL A 443 27.47 -5.27 11.23
CA VAL A 443 27.32 -4.04 10.45
C VAL A 443 26.06 -4.19 9.61
N SER A 444 24.95 -3.69 10.13
CA SER A 444 23.66 -3.88 9.49
C SER A 444 22.73 -2.73 9.78
N LYS A 445 21.68 -2.60 8.96
CA LYS A 445 20.65 -1.59 9.16
C LYS A 445 19.30 -2.28 9.01
N ILE A 446 18.46 -2.19 10.04
CA ILE A 446 17.19 -2.88 10.03
C ILE A 446 16.05 -1.86 10.13
N SER A 447 15.15 -1.93 9.16
CA SER A 447 13.95 -1.09 9.17
C SER A 447 12.72 -1.94 9.45
N ILE A 448 11.60 -1.28 9.72
CA ILE A 448 10.32 -1.96 9.91
C ILE A 448 9.20 -1.33 9.09
N LEU A 449 8.29 -2.17 8.61
CA LEU A 449 7.02 -1.70 8.06
C LEU A 449 5.92 -2.37 8.83
N LEU A 450 4.73 -1.79 8.76
CA LEU A 450 3.53 -2.42 9.28
C LEU A 450 2.35 -2.16 8.35
N PRO A 451 1.40 -3.11 8.27
CA PRO A 451 0.21 -2.86 7.45
C PRO A 451 -0.56 -1.69 8.03
N GLY A 452 -1.25 -0.94 7.16
CA GLY A 452 -2.04 0.23 7.57
C GLY A 452 -2.69 0.20 8.94
N PRO A 453 -3.56 -0.80 9.20
CA PRO A 453 -4.33 -0.82 10.44
C PRO A 453 -3.51 -1.02 11.72
N MET A 454 -2.23 -1.38 11.60
CA MET A 454 -1.36 -1.55 12.76
C MET A 454 -0.36 -0.42 12.91
N GLN A 455 -0.42 0.56 12.01
CA GLN A 455 0.66 1.55 11.93
C GLN A 455 0.81 2.51 13.11
N ASN A 456 -0.17 2.56 14.02
CA ASN A 456 0.00 3.41 15.20
C ASN A 456 1.14 2.89 16.09
N LEU A 457 1.52 1.63 15.85
CA LEU A 457 2.60 0.98 16.60
C LEU A 457 3.98 1.31 16.04
N LEU A 458 4.03 1.81 14.80
CA LEU A 458 5.30 1.93 14.06
C LEU A 458 6.43 2.58 14.83
N VAL A 459 6.21 3.78 15.32
CA VAL A 459 7.26 4.53 16.00
C VAL A 459 7.66 3.89 17.34
N ASP A 460 6.69 3.50 18.16
CA ASP A 460 7.02 2.91 19.45
C ASP A 460 7.83 1.62 19.28
N VAL A 461 7.38 0.76 18.35
CA VAL A 461 8.04 -0.51 18.11
C VAL A 461 9.45 -0.32 17.56
N ALA A 462 9.61 0.61 16.62
CA ALA A 462 10.90 0.83 16.00
C ALA A 462 11.91 1.40 16.99
N LEU A 463 11.43 2.34 17.81
CA LEU A 463 12.30 2.99 18.78
C LEU A 463 12.68 2.00 19.88
N GLY A 464 11.73 1.18 20.30
CA GLY A 464 11.96 0.23 21.37
C GLY A 464 12.87 -0.92 20.96
N LEU A 465 12.96 -1.17 19.65
CA LEU A 465 13.80 -2.24 19.13
C LEU A 465 15.17 -1.73 18.75
N GLY A 466 15.33 -0.41 18.76
CA GLY A 466 16.59 0.19 18.34
C GLY A 466 16.80 0.12 16.84
N LEU A 467 15.70 0.13 16.09
CA LEU A 467 15.78 0.01 14.64
C LEU A 467 16.38 1.24 13.98
N ASP A 468 16.90 1.05 12.76
CA ASP A 468 17.56 2.10 12.02
C ASP A 468 16.64 2.82 11.02
N GLY A 469 15.44 2.32 10.86
CA GLY A 469 14.57 2.91 9.84
C GLY A 469 13.13 2.52 9.99
N ILE A 470 12.26 3.29 9.33
CA ILE A 470 10.83 3.00 9.30
C ILE A 470 10.35 3.24 7.87
N ARG A 471 9.49 2.35 7.38
CA ARG A 471 8.93 2.46 6.04
C ARG A 471 7.45 2.76 6.12
N VAL A 472 6.98 3.66 5.27
CA VAL A 472 5.54 3.92 5.11
C VAL A 472 5.27 4.11 3.63
N GLY A 473 4.00 4.08 3.25
CA GLY A 473 3.62 4.39 1.88
C GLY A 473 2.35 3.65 1.49
N LEU A 474 1.75 4.03 0.36
CA LEU A 474 0.51 3.38 -0.10
C LEU A 474 0.64 1.85 -0.29
N GLU A 475 1.84 1.38 -0.59
CA GLU A 475 2.11 -0.07 -0.61
C GLU A 475 1.66 -0.77 0.66
N ASP A 476 1.90 -0.15 1.82
CA ASP A 476 1.62 -0.81 3.11
C ASP A 476 0.29 -0.43 3.76
N GLY A 477 -0.17 0.81 3.53
CA GLY A 477 -1.46 1.25 4.04
C GLY A 477 -1.90 2.50 3.31
N LEU A 478 -3.22 2.67 3.18
CA LEU A 478 -3.77 3.75 2.35
C LEU A 478 -4.23 4.96 3.18
N THR A 479 -4.12 4.85 4.51
CA THR A 479 -4.70 5.85 5.40
C THR A 479 -3.70 6.70 6.20
N VAL A 480 -4.20 7.81 6.73
CA VAL A 480 -3.49 8.58 7.75
C VAL A 480 -4.45 8.86 8.90
N ASN A 481 -3.91 9.12 10.07
CA ASN A 481 -4.71 9.71 11.15
C ASN A 481 -4.95 11.18 10.85
N ASP A 482 -6.10 11.69 11.30
CA ASP A 482 -6.43 13.11 11.13
C ASP A 482 -7.41 13.47 12.23
N ALA A 483 -6.90 14.09 13.30
CA ALA A 483 -7.71 14.41 14.49
C ALA A 483 -8.84 15.40 14.20
N ARG A 484 -8.74 16.13 13.09
CA ARG A 484 -9.75 17.12 12.73
C ARG A 484 -11.10 16.51 12.39
N VAL A 485 -11.08 15.29 11.87
CA VAL A 485 -12.30 14.69 11.32
C VAL A 485 -12.87 13.66 12.29
N PRO A 486 -14.21 13.65 12.46
CA PRO A 486 -14.78 12.61 13.32
C PRO A 486 -14.40 11.23 12.81
N GLY A 487 -14.15 10.31 13.75
CA GLY A 487 -13.64 9.00 13.40
C GLY A 487 -12.12 8.95 13.37
N GLY A 488 -11.50 10.10 13.09
CA GLY A 488 -10.06 10.28 13.19
C GLY A 488 -9.17 9.66 12.12
N VAL A 489 -9.76 9.02 11.11
CA VAL A 489 -8.99 8.35 10.05
C VAL A 489 -9.53 8.71 8.66
N ARG A 490 -8.64 8.81 7.67
CA ARG A 490 -9.03 9.08 6.29
C ARG A 490 -7.98 8.52 5.32
N LYS A 491 -8.31 8.51 4.04
CA LYS A 491 -7.35 8.13 3.01
C LYS A 491 -6.24 9.17 2.95
N ALA A 492 -5.00 8.69 2.87
CA ALA A 492 -3.86 9.60 2.73
C ALA A 492 -3.95 10.34 1.39
N ARG A 493 -3.42 11.57 1.35
CA ARG A 493 -3.36 12.30 0.08
C ARG A 493 -2.22 11.78 -0.80
N GLY A 494 -1.35 10.96 -0.22
CA GLY A 494 -0.20 10.43 -0.94
C GLY A 494 0.77 9.80 0.03
N THR A 495 1.72 9.04 -0.51
CA THR A 495 2.80 8.52 0.31
C THR A 495 3.56 9.66 0.97
N TRP A 496 3.76 10.76 0.23
CA TRP A 496 4.46 11.91 0.80
C TRP A 496 3.80 12.39 2.11
N GLU A 497 2.49 12.29 2.20
CA GLU A 497 1.79 12.74 3.41
C GLU A 497 2.11 11.81 4.58
N GLN A 498 2.13 10.51 4.32
CA GLN A 498 2.49 9.54 5.33
C GLN A 498 3.93 9.72 5.78
N VAL A 499 4.81 10.06 4.84
CA VAL A 499 6.20 10.37 5.15
C VAL A 499 6.32 11.60 6.09
N SER A 500 5.59 12.68 5.77
CA SER A 500 5.62 13.91 6.58
C SER A 500 5.20 13.63 8.00
N LEU A 501 4.13 12.86 8.14
CA LEU A 501 3.55 12.54 9.43
C LEU A 501 4.44 11.65 10.28
N VAL A 502 5.05 10.63 9.68
CA VAL A 502 5.95 9.80 10.48
C VAL A 502 7.21 10.58 10.86
N ARG A 503 7.70 11.43 9.96
CA ARG A 503 8.84 12.30 10.24
C ARG A 503 8.52 13.19 11.43
N GLU A 504 7.32 13.73 11.43
CA GLU A 504 6.85 14.61 12.51
C GLU A 504 6.83 13.87 13.85
N GLU A 505 6.22 12.69 13.88
CA GLU A 505 6.18 11.89 15.11
C GLU A 505 7.57 11.51 15.60
N LEU A 506 8.49 11.21 14.67
CA LEU A 506 9.86 10.86 15.05
C LEU A 506 10.57 12.04 15.71
N LEU A 507 10.52 13.20 15.06
CA LEU A 507 11.14 14.42 15.59
C LEU A 507 10.60 14.79 16.98
N GLY A 508 9.32 14.52 17.20
CA GLY A 508 8.71 14.77 18.51
C GLY A 508 9.19 13.87 19.63
N ARG A 509 9.98 12.85 19.31
CA ARG A 509 10.54 11.98 20.33
C ARG A 509 12.05 12.07 20.36
N GLY A 510 12.59 13.15 19.80
CA GLY A 510 14.01 13.38 19.83
C GLY A 510 14.82 12.47 18.93
N ALA A 511 14.24 12.03 17.82
CA ALA A 511 15.01 11.27 16.84
C ALA A 511 15.52 12.20 15.75
N THR A 512 16.64 11.82 15.14
CA THR A 512 17.17 12.52 13.99
C THR A 512 16.75 11.77 12.72
N ILE A 513 16.48 12.52 11.65
CA ILE A 513 16.10 11.93 10.37
C ILE A 513 17.22 12.14 9.36
N LEU A 514 17.80 11.05 8.86
CA LEU A 514 18.85 11.11 7.84
C LEU A 514 18.30 11.44 6.46
N THR A 515 19.05 12.23 5.70
CA THR A 515 18.69 12.56 4.32
C THR A 515 19.23 11.52 3.36
N ALA A 516 18.78 11.58 2.11
CA ALA A 516 19.28 10.69 1.07
C ALA A 516 20.80 10.78 0.94
N ALA A 517 21.33 12.00 0.86
CA ALA A 517 22.77 12.18 0.70
C ALA A 517 23.52 11.51 1.84
N GLN A 518 22.97 11.58 3.04
CA GLN A 518 23.62 10.98 4.20
C GLN A 518 23.57 9.45 4.20
N VAL A 519 22.43 8.90 3.82
CA VAL A 519 22.27 7.44 3.78
C VAL A 519 23.23 6.86 2.73
N ARG A 520 23.31 7.49 1.56
CA ARG A 520 24.21 7.06 0.50
C ARG A 520 25.63 7.00 1.00
N ASP A 521 26.03 8.07 1.68
CA ASP A 521 27.40 8.15 2.13
C ASP A 521 27.70 7.11 3.21
N MET A 522 26.83 7.07 4.21
CA MET A 522 27.06 6.18 5.35
C MET A 522 26.89 4.69 5.03
N PHE A 523 26.08 4.35 4.02
CA PHE A 523 25.85 2.95 3.73
C PHE A 523 26.74 2.48 2.57
N GLY A 524 27.56 3.39 2.05
CA GLY A 524 28.40 3.11 0.90
C GLY A 524 27.65 2.67 -0.36
N LEU A 525 26.56 3.34 -0.69
CA LEU A 525 25.71 2.93 -1.82
C LEU A 525 26.07 3.63 -3.14
N GLY A 526 25.73 3.00 -4.26
CA GLY A 526 25.83 3.63 -5.57
C GLY A 526 27.24 3.70 -6.15
N ILE A 527 28.09 2.78 -5.70
CA ILE A 527 29.45 2.68 -6.23
C ILE A 527 29.54 1.54 -7.25
MG MG B . 7.45 -4.20 -2.40
O1 OAA C . 10.35 -7.47 -2.74
O2 OAA C . 9.05 -5.62 -2.97
O4 OAA C . 4.47 -7.67 -1.45
O5 OAA C . 5.75 -9.23 -2.57
O3 OAA C . 6.41 -5.80 -2.36
C1 OAA C . 9.19 -6.86 -2.59
C2 OAA C . 8.06 -7.64 -1.96
C3 OAA C . 6.67 -7.06 -2.17
C4 OAA C . 5.57 -8.03 -2.06
#